data_6NTB
#
_entry.id   6NTB
#
_cell.length_a   132.946
_cell.length_b   132.946
_cell.length_c   33.837
_cell.angle_alpha   90.00
_cell.angle_beta   90.00
_cell.angle_gamma   120.00
#
_symmetry.space_group_name_H-M   'P 62'
#
loop_
_entity.id
_entity.type
_entity.pdbx_description
1 polymer 'SbtB7001, PII-like protein'
2 non-polymer "ADENOSINE-5'-TRIPHOSPHATE"
3 non-polymer 'CHLORIDE ION'
4 water water
#
_entity_poly.entity_id   1
_entity_poly.type   'polypeptide(L)'
_entity_poly.pdbx_seq_one_letter_code
;SSQQVWKLVIITEEILLKKVSKIIKEAGASGYTVLAAAGEGSRNVRSTGEPSVSHAYSNIKFEVLTASRELADQIQDKVV
AKYFDDYSCITYISTVEALRAHKF
;
_entity_poly.pdbx_strand_id   A,B,C
#
loop_
_chem_comp.id
_chem_comp.type
_chem_comp.name
_chem_comp.formula
ATP non-polymer ADENOSINE-5'-TRIPHOSPHATE 'C10 H16 N5 O13 P3'
CL non-polymer 'CHLORIDE ION' 'Cl -1'
#
# COMPACT_ATOMS: atom_id res chain seq x y z
N SER A 2 19.28 5.91 -4.60
CA SER A 2 17.85 6.12 -4.77
C SER A 2 17.54 7.33 -5.66
N GLN A 3 16.35 7.34 -6.26
CA GLN A 3 15.90 8.44 -7.10
C GLN A 3 14.50 8.83 -6.67
N GLN A 4 14.23 10.08 -6.50
CA GLN A 4 12.96 10.54 -6.07
C GLN A 4 11.95 10.47 -7.21
N VAL A 5 10.78 9.88 -6.96
CA VAL A 5 9.77 9.72 -8.02
C VAL A 5 8.41 10.00 -7.43
N TRP A 6 7.43 10.18 -8.31
CA TRP A 6 6.05 10.36 -7.90
C TRP A 6 5.37 9.01 -7.90
N LYS A 7 4.41 8.85 -6.99
CA LYS A 7 3.64 7.60 -6.90
C LYS A 7 2.17 7.96 -7.03
N LEU A 8 1.55 7.51 -8.10
CA LEU A 8 0.13 7.70 -8.30
C LEU A 8 -0.60 6.45 -7.85
N VAL A 9 -1.64 6.63 -7.03
CA VAL A 9 -2.51 5.53 -6.64
C VAL A 9 -3.89 5.77 -7.27
N ILE A 10 -4.47 4.70 -7.80
CA ILE A 10 -5.82 4.67 -8.35
C ILE A 10 -6.55 3.49 -7.73
N ILE A 11 -7.65 3.75 -7.03
CA ILE A 11 -8.48 2.68 -6.50
C ILE A 11 -9.84 2.76 -7.18
N THR A 12 -10.25 1.68 -7.84
CA THR A 12 -11.43 1.73 -8.68
C THR A 12 -12.02 0.33 -8.78
N GLU A 13 -13.11 0.21 -9.54
CA GLU A 13 -13.79 -1.06 -9.71
C GLU A 13 -12.91 -2.07 -10.44
N GLU A 14 -13.02 -3.33 -10.02
CA GLU A 14 -12.25 -4.41 -10.63
C GLU A 14 -12.50 -4.50 -12.14
N ILE A 15 -13.71 -4.16 -12.59
CA ILE A 15 -14.03 -4.28 -14.01
C ILE A 15 -13.23 -3.31 -14.89
N LEU A 16 -12.62 -2.28 -14.32
CA LEU A 16 -11.82 -1.34 -15.10
C LEU A 16 -10.34 -1.72 -15.19
N LEU A 17 -9.98 -2.93 -14.74
CA LEU A 17 -8.60 -3.39 -14.78
C LEU A 17 -7.94 -3.17 -16.15
N LYS A 18 -8.54 -3.68 -17.22
CA LYS A 18 -7.85 -3.62 -18.50
C LYS A 18 -7.80 -2.19 -19.03
N LYS A 19 -8.87 -1.43 -18.81
CA LYS A 19 -8.92 -0.07 -19.35
C LYS A 19 -7.89 0.83 -18.68
N VAL A 20 -7.75 0.74 -17.37
CA VAL A 20 -6.81 1.63 -16.69
C VAL A 20 -5.37 1.19 -16.96
N SER A 21 -5.12 -0.13 -17.00
CA SER A 21 -3.82 -0.64 -17.45
C SER A 21 -3.45 -0.06 -18.80
N LYS A 22 -4.42 -0.02 -19.72
CA LYS A 22 -4.25 0.58 -21.05
C LYS A 22 -3.81 2.04 -20.96
N ILE A 23 -4.49 2.82 -20.12
CA ILE A 23 -4.17 4.24 -19.98
C ILE A 23 -2.73 4.41 -19.50
N ILE A 24 -2.38 3.69 -18.43
CA ILE A 24 -1.04 3.79 -17.85
C ILE A 24 0.03 3.52 -18.90
N LYS A 25 -0.10 2.41 -19.61
CA LYS A 25 0.94 2.01 -20.57
C LYS A 25 1.02 2.97 -21.74
N GLU A 26 -0.13 3.35 -22.30
CA GLU A 26 -0.14 4.26 -23.44
C GLU A 26 0.38 5.64 -23.07
N ALA A 27 0.28 6.02 -21.80
CA ALA A 27 0.86 7.29 -21.37
C ALA A 27 2.38 7.24 -21.33
N GLY A 28 2.97 6.05 -21.29
CA GLY A 28 4.41 5.90 -21.25
C GLY A 28 5.02 5.60 -19.89
N ALA A 29 4.22 5.23 -18.90
CA ALA A 29 4.77 4.77 -17.63
C ALA A 29 5.58 3.50 -17.84
N SER A 30 6.65 3.34 -17.07
CA SER A 30 7.49 2.17 -17.23
C SER A 30 6.85 0.92 -16.70
N GLY A 31 5.77 1.04 -15.93
CA GLY A 31 5.06 -0.12 -15.45
C GLY A 31 3.96 0.28 -14.50
N TYR A 32 3.38 -0.72 -13.86
CA TYR A 32 2.41 -0.45 -12.81
C TYR A 32 2.28 -1.70 -11.96
N THR A 33 1.72 -1.52 -10.76
CA THR A 33 1.41 -2.63 -9.86
C THR A 33 -0.07 -2.54 -9.51
N VAL A 34 -0.74 -3.67 -9.40
N VAL A 34 -0.75 -3.69 -9.43
CA VAL A 34 -2.17 -3.68 -9.06
CA VAL A 34 -2.16 -3.78 -9.09
C VAL A 34 -2.41 -4.73 -7.99
C VAL A 34 -2.33 -4.74 -7.93
N LEU A 35 -3.18 -4.36 -6.97
CA LEU A 35 -3.53 -5.21 -5.84
C LEU A 35 -5.04 -5.35 -5.76
N ALA A 36 -5.50 -6.54 -5.42
CA ALA A 36 -6.93 -6.74 -5.23
C ALA A 36 -7.32 -6.09 -3.91
N ALA A 37 -8.48 -5.42 -3.90
CA ALA A 37 -8.91 -4.73 -2.68
C ALA A 37 -10.42 -4.76 -2.55
N ALA A 38 -10.90 -4.37 -1.37
CA ALA A 38 -12.32 -4.12 -1.11
C ALA A 38 -12.42 -2.73 -0.51
N GLY A 39 -13.63 -2.20 -0.39
CA GLY A 39 -13.74 -0.84 0.10
C GLY A 39 -15.17 -0.37 0.17
N GLU A 40 -15.35 0.76 0.85
CA GLU A 40 -16.58 1.54 0.82
C GLU A 40 -16.21 3.00 0.59
N GLY A 41 -17.12 3.73 -0.06
CA GLY A 41 -16.96 5.15 -0.30
C GLY A 41 -18.31 5.84 -0.20
N SER A 42 -18.28 7.17 -0.32
CA SER A 42 -19.46 7.98 -0.08
C SER A 42 -20.15 8.46 -1.35
N ARG A 43 -19.52 8.30 -2.53
CA ARG A 43 -20.15 8.81 -3.75
C ARG A 43 -21.32 7.96 -4.21
N ASN A 44 -21.28 6.65 -3.94
CA ASN A 44 -22.34 5.71 -4.30
C ASN A 44 -22.66 5.79 -5.79
N VAL A 45 -21.66 5.44 -6.60
CA VAL A 45 -21.77 5.52 -8.05
C VAL A 45 -21.38 4.19 -8.68
N ARG A 46 -21.14 3.16 -7.86
CA ARG A 46 -20.62 1.89 -8.36
C ARG A 46 -21.43 1.39 -9.55
N SER A 47 -20.73 1.14 -10.66
CA SER A 47 -21.41 0.83 -11.92
C SER A 47 -22.24 -0.44 -11.84
N THR A 48 -21.93 -1.33 -10.91
CA THR A 48 -22.60 -2.62 -10.83
C THR A 48 -23.72 -2.66 -9.79
N GLY A 49 -24.00 -1.55 -9.12
CA GLY A 49 -25.10 -1.50 -8.16
C GLY A 49 -24.87 -0.64 -6.92
N SER A 58 -16.07 -5.56 -5.73
CA SER A 58 -14.80 -5.29 -5.07
C SER A 58 -13.87 -4.53 -6.03
N ASN A 59 -12.70 -4.15 -5.53
CA ASN A 59 -11.90 -3.10 -6.15
C ASN A 59 -10.52 -3.62 -6.57
N ILE A 60 -9.81 -2.73 -7.25
CA ILE A 60 -8.39 -2.90 -7.54
C ILE A 60 -7.68 -1.61 -7.18
N LYS A 61 -6.45 -1.74 -6.71
CA LYS A 61 -5.63 -0.60 -6.36
C LYS A 61 -4.39 -0.66 -7.27
N PHE A 62 -4.21 0.37 -8.10
CA PHE A 62 -3.02 0.55 -8.90
C PHE A 62 -2.02 1.45 -8.18
N GLU A 63 -0.73 1.15 -8.37
CA GLU A 63 0.35 2.04 -7.97
C GLU A 63 1.19 2.22 -9.22
N VAL A 64 1.46 3.47 -9.59
CA VAL A 64 2.26 3.81 -10.76
C VAL A 64 3.34 4.78 -10.33
N LEU A 65 4.59 4.37 -10.45
CA LEU A 65 5.72 5.24 -10.15
C LEU A 65 6.19 5.91 -11.42
N THR A 66 6.40 7.23 -11.37
CA THR A 66 6.84 8.00 -12.52
C THR A 66 7.84 9.05 -12.07
N ALA A 67 8.93 9.17 -12.82
CA ALA A 67 9.91 10.23 -12.54
C ALA A 67 9.33 11.62 -12.72
N SER A 68 8.38 11.81 -13.64
CA SER A 68 7.91 13.15 -13.97
C SER A 68 6.53 13.38 -13.39
N ARG A 69 6.33 14.54 -12.76
CA ARG A 69 5.01 14.86 -12.23
C ARG A 69 3.99 15.01 -13.35
N GLU A 70 4.43 15.49 -14.52
CA GLU A 70 3.51 15.64 -15.66
C GLU A 70 2.90 14.30 -16.06
N LEU A 71 3.71 13.25 -16.12
CA LEU A 71 3.18 11.94 -16.51
C LEU A 71 2.19 11.43 -15.47
N ALA A 72 2.49 11.60 -14.19
CA ALA A 72 1.52 11.19 -13.17
C ALA A 72 0.23 11.97 -13.33
N ASP A 73 0.32 13.27 -13.60
CA ASP A 73 -0.88 14.09 -13.76
C ASP A 73 -1.67 13.68 -14.99
N GLN A 74 -0.96 13.36 -16.08
CA GLN A 74 -1.60 12.95 -17.32
C GLN A 74 -2.43 11.68 -17.11
N ILE A 75 -1.85 10.69 -16.43
CA ILE A 75 -2.58 9.45 -16.16
C ILE A 75 -3.76 9.72 -15.24
N GLN A 76 -3.52 10.43 -14.13
CA GLN A 76 -4.60 10.78 -13.22
C GLN A 76 -5.73 11.49 -13.97
N ASP A 77 -5.38 12.49 -14.77
CA ASP A 77 -6.38 13.27 -15.51
C ASP A 77 -7.23 12.40 -16.42
N LYS A 78 -6.62 11.47 -17.14
CA LYS A 78 -7.40 10.64 -18.07
C LYS A 78 -8.32 9.69 -17.31
N VAL A 79 -7.81 9.05 -16.28
CA VAL A 79 -8.63 8.13 -15.49
C VAL A 79 -9.82 8.85 -14.90
N VAL A 80 -9.58 10.05 -14.33
CA VAL A 80 -10.65 10.78 -13.69
C VAL A 80 -11.66 11.26 -14.73
N ALA A 81 -11.17 11.80 -15.84
CA ALA A 81 -12.08 12.29 -16.88
C ALA A 81 -12.96 11.17 -17.43
N LYS A 82 -12.38 9.98 -17.62
CA LYS A 82 -13.12 8.88 -18.24
C LYS A 82 -14.05 8.19 -17.25
N TYR A 83 -13.63 7.96 -16.00
CA TYR A 83 -14.34 7.02 -15.14
C TYR A 83 -14.91 7.60 -13.85
N PHE A 84 -14.54 8.83 -13.45
CA PHE A 84 -14.94 9.32 -12.14
C PHE A 84 -16.46 9.38 -11.98
N ASP A 85 -17.17 9.90 -12.98
CA ASP A 85 -18.61 10.11 -12.83
C ASP A 85 -19.38 8.80 -12.75
N ASP A 86 -18.94 7.77 -13.46
CA ASP A 86 -19.73 6.57 -13.67
C ASP A 86 -19.22 5.36 -12.92
N TYR A 87 -18.10 5.46 -12.22
CA TYR A 87 -17.47 4.32 -11.60
C TYR A 87 -16.89 4.73 -10.26
N SER A 88 -17.00 3.84 -9.28
CA SER A 88 -16.29 4.06 -8.01
C SER A 88 -14.82 4.26 -8.31
N CYS A 89 -14.24 5.36 -7.80
CA CYS A 89 -12.87 5.69 -8.16
C CYS A 89 -12.32 6.80 -7.28
N ILE A 90 -11.15 6.57 -6.67
CA ILE A 90 -10.41 7.61 -5.96
C ILE A 90 -8.97 7.54 -6.44
N THR A 91 -8.27 8.67 -6.33
N THR A 91 -8.29 8.68 -6.40
CA THR A 91 -6.88 8.75 -6.77
CA THR A 91 -6.88 8.75 -6.77
C THR A 91 -6.13 9.73 -5.89
C THR A 91 -6.15 9.65 -5.80
N TYR A 92 -4.84 9.44 -5.67
CA TYR A 92 -4.02 10.34 -4.88
C TYR A 92 -2.57 10.15 -5.30
N ILE A 93 -1.71 11.11 -4.92
CA ILE A 93 -0.32 11.17 -5.36
C ILE A 93 0.56 11.50 -4.17
N SER A 94 1.71 10.85 -4.10
CA SER A 94 2.74 11.17 -3.12
C SER A 94 4.09 10.98 -3.78
N THR A 95 5.17 11.21 -3.03
CA THR A 95 6.51 10.97 -3.54
C THR A 95 7.18 9.88 -2.73
N VAL A 96 8.08 9.13 -3.39
CA VAL A 96 8.85 8.07 -2.74
C VAL A 96 10.26 8.12 -3.35
N GLU A 97 11.19 7.42 -2.71
CA GLU A 97 12.54 7.30 -3.25
C GLU A 97 12.71 5.87 -3.75
N ALA A 98 12.85 5.72 -5.07
CA ALA A 98 13.03 4.41 -5.68
C ALA A 98 14.49 4.18 -6.04
N LEU A 99 14.75 2.92 -6.33
CA LEU A 99 16.02 2.40 -6.71
C LEU A 99 16.37 2.99 -8.04
N ARG A 100 17.65 3.29 -8.19
CA ARG A 100 18.15 3.89 -9.43
C ARG A 100 18.34 2.86 -10.53
N ALA A 101 18.38 1.58 -10.16
CA ALA A 101 18.57 0.51 -11.13
C ALA A 101 17.36 0.30 -12.07
N HIS A 102 16.28 1.09 -11.93
CA HIS A 102 15.08 0.97 -12.77
C HIS A 102 14.74 2.33 -13.38
N LYS A 103 14.24 2.30 -14.61
CA LYS A 103 13.75 3.50 -15.28
C LYS A 103 12.34 3.84 -14.81
N PHE A 104 12.10 5.11 -14.52
CA PHE A 104 10.75 5.56 -14.22
C PHE A 104 10.40 6.82 -15.04
N SER B 2 3.34 9.61 16.29
CA SER B 2 4.10 10.43 17.23
C SER B 2 5.60 10.30 17.02
N GLN B 3 6.00 9.54 15.99
CA GLN B 3 7.41 9.39 15.66
C GLN B 3 7.53 9.07 14.18
N GLN B 4 8.55 9.64 13.54
CA GLN B 4 8.80 9.37 12.13
C GLN B 4 9.50 8.04 11.99
N VAL B 5 9.01 7.19 11.08
CA VAL B 5 9.68 5.95 10.73
C VAL B 5 9.73 5.88 9.21
N TRP B 6 10.46 4.88 8.72
CA TRP B 6 10.65 4.70 7.29
C TRP B 6 9.91 3.45 6.81
N LYS B 7 9.39 3.51 5.59
CA LYS B 7 8.64 2.40 5.02
C LYS B 7 9.34 1.94 3.76
N LEU B 8 9.83 0.73 3.76
CA LEU B 8 10.45 0.13 2.59
C LEU B 8 9.41 -0.74 1.91
N VAL B 9 9.20 -0.52 0.62
CA VAL B 9 8.35 -1.36 -0.20
C VAL B 9 9.21 -2.14 -1.18
N ILE B 10 8.92 -3.43 -1.31
CA ILE B 10 9.58 -4.29 -2.26
C ILE B 10 8.51 -4.99 -3.06
N ILE B 11 8.52 -4.81 -4.37
CA ILE B 11 7.58 -5.49 -5.25
C ILE B 11 8.39 -6.43 -6.12
N THR B 12 8.09 -7.72 -6.04
CA THR B 12 8.91 -8.73 -6.71
C THR B 12 8.04 -9.92 -7.07
N GLU B 13 8.67 -10.92 -7.68
CA GLU B 13 8.00 -12.17 -8.02
C GLU B 13 7.52 -12.90 -6.76
N GLU B 14 6.31 -13.46 -6.85
CA GLU B 14 5.76 -14.21 -5.73
C GLU B 14 6.66 -15.37 -5.33
N ILE B 15 7.37 -15.99 -6.29
CA ILE B 15 8.22 -17.13 -5.95
C ILE B 15 9.36 -16.76 -5.01
N LEU B 16 9.62 -15.49 -4.79
CA LEU B 16 10.68 -15.07 -3.88
C LEU B 16 10.18 -14.80 -2.47
N LEU B 17 8.93 -15.17 -2.16
CA LEU B 17 8.33 -14.86 -0.88
C LEU B 17 9.20 -15.30 0.29
N LYS B 18 9.62 -16.55 0.31
CA LYS B 18 10.39 -17.05 1.44
C LYS B 18 11.80 -16.47 1.46
N LYS B 19 12.41 -16.29 0.30
CA LYS B 19 13.78 -15.77 0.25
C LYS B 19 13.85 -14.35 0.78
N VAL B 20 12.94 -13.49 0.31
CA VAL B 20 12.98 -12.08 0.70
C VAL B 20 12.53 -11.90 2.14
N SER B 21 11.51 -12.65 2.57
CA SER B 21 11.12 -12.64 3.98
C SER B 21 12.31 -12.94 4.88
N LYS B 22 13.12 -13.93 4.53
CA LYS B 22 14.29 -14.24 5.35
C LYS B 22 15.27 -13.08 5.36
N ILE B 23 15.45 -12.41 4.23
CA ILE B 23 16.41 -11.30 4.18
C ILE B 23 15.96 -10.20 5.12
N ILE B 24 14.68 -9.87 5.08
CA ILE B 24 14.12 -8.86 5.98
C ILE B 24 14.32 -9.26 7.43
N LYS B 25 14.05 -10.53 7.74
CA LYS B 25 14.19 -11.04 9.09
C LYS B 25 15.66 -11.14 9.48
N GLU B 26 16.43 -11.91 8.70
CA GLU B 26 17.85 -12.09 8.98
C GLU B 26 18.56 -10.75 9.12
N ALA B 27 17.93 -9.70 8.61
CA ALA B 27 18.50 -8.35 8.69
C ALA B 27 18.23 -7.72 10.06
N GLY B 28 17.11 -8.01 10.64
CA GLY B 28 16.81 -7.28 11.84
C GLY B 28 15.61 -6.39 11.95
N ALA B 29 14.71 -6.48 10.98
CA ALA B 29 13.49 -5.67 10.99
C ALA B 29 12.42 -6.32 11.87
N SER B 30 11.77 -5.51 12.69
CA SER B 30 10.73 -6.00 13.59
C SER B 30 9.79 -6.98 12.90
N GLY B 31 9.23 -6.56 11.77
CA GLY B 31 8.32 -7.40 11.01
C GLY B 31 8.23 -6.97 9.55
N TYR B 32 7.17 -7.44 8.89
CA TYR B 32 6.93 -7.08 7.50
C TYR B 32 5.50 -7.46 7.17
N THR B 33 4.95 -6.84 6.12
CA THR B 33 3.62 -7.13 5.65
C THR B 33 3.74 -7.48 4.17
N VAL B 34 2.98 -8.49 3.72
CA VAL B 34 3.02 -8.90 2.33
C VAL B 34 1.61 -8.94 1.77
N LEU B 35 1.47 -8.50 0.53
CA LEU B 35 0.18 -8.47 -0.15
C LEU B 35 0.37 -9.09 -1.52
N ALA B 36 -0.65 -9.80 -2.00
CA ALA B 36 -0.62 -10.36 -3.35
C ALA B 36 -0.76 -9.25 -4.37
N ALA B 37 -0.03 -9.37 -5.49
CA ALA B 37 0.01 -8.29 -6.45
C ALA B 37 0.20 -8.83 -7.86
N ALA B 38 -0.12 -7.98 -8.82
CA ALA B 38 0.09 -8.23 -10.23
C ALA B 38 0.75 -6.99 -10.80
N GLY B 39 1.18 -7.05 -12.05
CA GLY B 39 1.73 -5.85 -12.63
C GLY B 39 2.54 -6.15 -13.87
N GLU B 40 3.09 -5.07 -14.42
CA GLU B 40 3.97 -5.11 -15.57
C GLU B 40 5.13 -4.18 -15.30
N GLY B 41 6.28 -4.53 -15.88
CA GLY B 41 7.45 -3.67 -15.83
C GLY B 41 8.10 -3.63 -17.18
N SER B 42 9.21 -2.89 -17.26
CA SER B 42 9.89 -2.68 -18.53
C SER B 42 11.14 -3.54 -18.73
N ARG B 43 11.69 -4.15 -17.68
CA ARG B 43 12.94 -4.88 -17.84
C ARG B 43 12.73 -6.27 -18.44
N ASN B 44 11.57 -6.87 -18.20
CA ASN B 44 11.19 -8.20 -18.71
C ASN B 44 12.27 -9.24 -18.38
N VAL B 45 12.44 -9.46 -17.09
CA VAL B 45 13.40 -10.39 -16.53
C VAL B 45 12.72 -11.56 -15.83
N ARG B 46 11.39 -11.64 -15.91
CA ARG B 46 10.63 -12.57 -15.09
C ARG B 46 11.14 -14.00 -15.23
N SER B 47 11.51 -14.60 -14.10
CA SER B 47 12.15 -15.90 -14.10
C SER B 47 11.25 -17.01 -14.62
N THR B 48 9.95 -16.92 -14.38
CA THR B 48 9.03 -17.96 -14.82
C THR B 48 8.58 -17.74 -16.26
N SER B 54 -0.17 -11.29 -17.43
CA SER B 54 0.01 -9.92 -16.98
C SER B 54 -0.82 -9.61 -15.74
N HIS B 55 -2.12 -9.87 -15.84
CA HIS B 55 -3.06 -9.57 -14.77
C HIS B 55 -3.20 -10.70 -13.76
N ALA B 56 -2.37 -11.73 -13.87
CA ALA B 56 -2.35 -12.78 -12.86
C ALA B 56 -1.60 -12.29 -11.62
N TYR B 57 -2.11 -12.64 -10.44
CA TYR B 57 -1.44 -12.22 -9.21
C TYR B 57 -0.20 -13.08 -9.00
N SER B 58 0.84 -12.75 -9.77
CA SER B 58 2.12 -13.44 -9.75
C SER B 58 3.21 -12.68 -9.02
N ASN B 59 2.92 -11.50 -8.49
CA ASN B 59 3.86 -10.71 -7.71
C ASN B 59 3.49 -10.71 -6.22
N ILE B 60 4.38 -10.15 -5.42
CA ILE B 60 4.09 -9.83 -4.03
C ILE B 60 4.62 -8.43 -3.74
N LYS B 61 3.94 -7.73 -2.84
CA LYS B 61 4.38 -6.40 -2.38
C LYS B 61 4.69 -6.50 -0.90
N PHE B 62 5.95 -6.25 -0.53
CA PHE B 62 6.35 -6.20 0.88
C PHE B 62 6.31 -4.76 1.35
N GLU B 63 5.88 -4.55 2.60
CA GLU B 63 6.08 -3.26 3.28
C GLU B 63 6.82 -3.54 4.57
N VAL B 64 7.89 -2.79 4.82
CA VAL B 64 8.72 -3.00 6.01
C VAL B 64 8.90 -1.65 6.68
N LEU B 65 8.41 -1.52 7.91
CA LEU B 65 8.59 -0.30 8.68
C LEU B 65 9.83 -0.43 9.54
N THR B 66 10.72 0.54 9.42
CA THR B 66 11.99 0.54 10.13
C THR B 66 12.12 1.84 10.90
N ALA B 67 12.68 1.77 12.11
CA ALA B 67 12.93 2.98 12.89
C ALA B 67 14.01 3.86 12.29
N SER B 68 14.83 3.34 11.38
CA SER B 68 15.96 4.09 10.86
C SER B 68 16.01 3.97 9.34
N ARG B 69 16.40 5.08 8.69
CA ARG B 69 16.65 5.02 7.24
C ARG B 69 17.77 4.05 6.91
N GLU B 70 18.72 3.91 7.78
CA GLU B 70 19.82 3.04 7.53
C GLU B 70 19.41 1.64 7.30
N LEU B 71 18.62 1.16 8.23
CA LEU B 71 18.13 -0.20 8.17
C LEU B 71 17.31 -0.45 6.90
N ALA B 72 16.44 0.48 6.54
CA ALA B 72 15.70 0.33 5.30
C ALA B 72 16.64 0.22 4.11
N ASP B 73 17.70 1.03 4.10
CA ASP B 73 18.67 0.99 3.01
C ASP B 73 19.39 -0.35 2.97
N GLN B 74 19.68 -0.91 4.15
CA GLN B 74 20.39 -2.19 4.24
C GLN B 74 19.56 -3.32 3.63
N ILE B 75 18.27 -3.38 3.99
CA ILE B 75 17.42 -4.44 3.44
C ILE B 75 17.30 -4.27 1.94
N GLN B 76 16.99 -3.05 1.50
CA GLN B 76 16.92 -2.76 0.07
C GLN B 76 18.17 -3.25 -0.65
N ASP B 77 19.34 -2.89 -0.12
CA ASP B 77 20.61 -3.27 -0.70
C ASP B 77 20.80 -4.78 -0.83
N LYS B 78 20.46 -5.52 0.22
CA LYS B 78 20.62 -6.97 0.19
C LYS B 78 19.68 -7.61 -0.82
N VAL B 79 18.43 -7.15 -0.87
CA VAL B 79 17.48 -7.72 -1.81
C VAL B 79 17.90 -7.44 -3.25
N VAL B 80 18.24 -6.18 -3.54
CA VAL B 80 18.64 -5.81 -4.88
C VAL B 80 19.88 -6.59 -5.29
N ALA B 81 20.86 -6.65 -4.38
CA ALA B 81 22.11 -7.34 -4.70
C ALA B 81 21.87 -8.78 -5.09
N LYS B 82 20.99 -9.49 -4.38
CA LYS B 82 20.87 -10.91 -4.61
C LYS B 82 19.95 -11.24 -5.78
N TYR B 83 18.86 -10.48 -5.99
CA TYR B 83 17.81 -10.91 -6.90
C TYR B 83 17.51 -9.99 -8.07
N PHE B 84 17.94 -8.72 -8.03
CA PHE B 84 17.46 -7.75 -9.02
C PHE B 84 17.76 -8.20 -10.45
N ASP B 85 19.00 -8.63 -10.71
CA ASP B 85 19.39 -9.01 -12.05
C ASP B 85 18.54 -10.16 -12.59
N ASP B 86 18.21 -11.13 -11.74
CA ASP B 86 17.63 -12.39 -12.18
C ASP B 86 16.12 -12.46 -12.02
N TYR B 87 15.50 -11.54 -11.28
CA TYR B 87 14.07 -11.61 -11.00
C TYR B 87 13.46 -10.22 -11.15
N SER B 88 12.19 -10.19 -11.59
CA SER B 88 11.41 -8.96 -11.58
C SER B 88 11.39 -8.37 -10.17
N CYS B 89 11.71 -7.09 -10.05
CA CYS B 89 11.92 -6.49 -8.73
C CYS B 89 12.06 -4.97 -8.76
N ILE B 90 11.31 -4.27 -7.92
CA ILE B 90 11.49 -2.85 -7.69
C ILE B 90 11.31 -2.57 -6.20
N THR B 91 11.90 -1.46 -5.74
CA THR B 91 11.87 -1.08 -4.33
C THR B 91 11.75 0.43 -4.24
N TYR B 92 11.10 0.91 -3.17
CA TYR B 92 11.06 2.34 -2.90
C TYR B 92 10.89 2.57 -1.40
N ILE B 93 11.16 3.80 -0.96
CA ILE B 93 11.19 4.15 0.46
C ILE B 93 10.46 5.47 0.67
N SER B 94 9.59 5.53 1.67
CA SER B 94 8.95 6.79 2.05
C SER B 94 8.97 6.90 3.57
N THR B 95 8.57 8.06 4.10
CA THR B 95 8.47 8.21 5.54
C THR B 95 7.01 8.28 5.97
N VAL B 96 6.72 7.79 7.17
CA VAL B 96 5.37 7.81 7.71
C VAL B 96 5.50 8.06 9.21
N GLU B 97 4.38 8.40 9.85
CA GLU B 97 4.34 8.72 11.26
C GLU B 97 3.70 7.57 12.02
N ALA B 98 4.36 7.11 13.09
CA ALA B 98 3.86 5.94 13.82
C ALA B 98 3.76 6.26 15.30
N LEU B 99 2.88 5.54 15.99
CA LEU B 99 2.75 5.74 17.42
C LEU B 99 3.98 5.18 18.14
N ARG B 100 4.33 5.81 19.25
CA ARG B 100 5.46 5.37 20.05
C ARG B 100 5.18 4.03 20.72
N ALA B 101 3.89 3.68 20.81
CA ALA B 101 3.49 2.42 21.44
C ALA B 101 3.98 1.19 20.68
N HIS B 102 4.52 1.37 19.47
CA HIS B 102 5.15 0.30 18.72
C HIS B 102 6.55 0.77 18.36
N LYS B 103 7.55 -0.10 18.52
CA LYS B 103 8.92 0.24 18.17
C LYS B 103 9.38 -0.58 16.98
N PHE B 104 10.07 0.08 16.06
CA PHE B 104 10.47 -0.50 14.78
C PHE B 104 12.00 -0.51 14.65
N SER C 1 -7.63 22.91 -7.32
CA SER C 1 -7.32 21.62 -7.88
C SER C 1 -7.22 20.53 -6.84
N SER C 2 -6.11 20.51 -6.12
CA SER C 2 -5.75 19.40 -5.24
C SER C 2 -5.87 19.77 -3.76
N GLN C 3 -5.74 18.74 -2.93
CA GLN C 3 -6.05 18.79 -1.50
C GLN C 3 -5.04 17.92 -0.79
N GLN C 4 -4.34 18.45 0.21
CA GLN C 4 -3.45 17.61 1.00
C GLN C 4 -4.28 16.93 2.09
N VAL C 5 -4.31 15.59 2.07
CA VAL C 5 -5.11 14.82 3.01
C VAL C 5 -4.23 13.83 3.76
N TRP C 6 -4.78 13.32 4.86
CA TRP C 6 -4.09 12.34 5.69
C TRP C 6 -4.54 10.93 5.34
N LYS C 7 -3.58 10.01 5.36
CA LYS C 7 -3.82 8.60 5.03
C LYS C 7 -3.45 7.76 6.23
N LEU C 8 -4.46 7.18 6.89
CA LEU C 8 -4.24 6.29 8.02
C LEU C 8 -4.21 4.85 7.51
N VAL C 9 -3.18 4.11 7.92
CA VAL C 9 -3.06 2.68 7.60
C VAL C 9 -3.16 1.90 8.90
N ILE C 10 -3.99 0.86 8.91
CA ILE C 10 -4.13 -0.08 10.03
C ILE C 10 -3.92 -1.48 9.48
N ILE C 11 -2.95 -2.21 10.02
CA ILE C 11 -2.71 -3.60 9.63
C ILE C 11 -2.98 -4.47 10.85
N THR C 12 -3.94 -5.38 10.76
CA THR C 12 -4.34 -6.14 11.95
C THR C 12 -4.87 -7.51 11.51
N GLU C 13 -5.35 -8.28 12.48
CA GLU C 13 -5.90 -9.60 12.20
C GLU C 13 -7.15 -9.52 11.33
N GLU C 14 -7.27 -10.47 10.39
CA GLU C 14 -8.43 -10.56 9.54
C GLU C 14 -9.73 -10.68 10.34
N ILE C 15 -9.68 -11.33 11.50
CA ILE C 15 -10.91 -11.51 12.26
C ILE C 15 -11.52 -10.20 12.75
N LEU C 16 -10.78 -9.08 12.67
CA LEU C 16 -11.28 -7.78 13.10
C LEU C 16 -11.85 -6.98 11.94
N LEU C 17 -12.10 -7.61 10.80
CA LEU C 17 -12.56 -6.88 9.62
C LEU C 17 -13.79 -6.04 9.93
N LYS C 18 -14.87 -6.66 10.41
CA LYS C 18 -16.10 -5.89 10.58
C LYS C 18 -15.99 -4.89 11.73
N LYS C 19 -15.29 -5.27 12.81
CA LYS C 19 -15.18 -4.37 13.96
C LYS C 19 -14.39 -3.10 13.63
N VAL C 20 -13.29 -3.22 12.90
CA VAL C 20 -12.52 -2.04 12.57
C VAL C 20 -13.26 -1.20 11.52
N SER C 21 -13.88 -1.88 10.54
CA SER C 21 -14.71 -1.19 9.54
C SER C 21 -15.76 -0.29 10.19
N LYS C 22 -16.45 -0.81 11.21
CA LYS C 22 -17.50 -0.01 11.81
C LYS C 22 -16.92 1.16 12.60
N ILE C 23 -15.73 0.99 13.20
CA ILE C 23 -15.04 2.11 13.83
C ILE C 23 -14.82 3.23 12.83
N ILE C 24 -14.33 2.87 11.64
CA ILE C 24 -14.04 3.85 10.60
C ILE C 24 -15.31 4.60 10.20
N LYS C 25 -16.38 3.85 9.90
CA LYS C 25 -17.60 4.49 9.40
C LYS C 25 -18.27 5.32 10.49
N GLU C 26 -18.33 4.80 11.71
CA GLU C 26 -19.01 5.53 12.79
C GLU C 26 -18.27 6.82 13.15
N ALA C 27 -16.94 6.82 13.02
CA ALA C 27 -16.20 8.04 13.29
C ALA C 27 -16.40 9.10 12.21
N GLY C 28 -16.99 8.75 11.08
CA GLY C 28 -17.32 9.72 10.06
C GLY C 28 -16.37 9.78 8.89
N ALA C 29 -15.57 8.76 8.66
CA ALA C 29 -14.72 8.75 7.47
C ALA C 29 -15.58 8.55 6.23
N SER C 30 -15.18 9.19 5.14
CA SER C 30 -15.95 9.10 3.91
C SER C 30 -15.89 7.70 3.31
N GLY C 31 -14.92 6.89 3.71
CA GLY C 31 -14.79 5.55 3.19
C GLY C 31 -13.49 4.93 3.68
N TYR C 32 -13.20 3.76 3.13
CA TYR C 32 -11.98 3.03 3.46
C TYR C 32 -11.72 1.99 2.38
N THR C 33 -10.48 1.54 2.33
CA THR C 33 -10.03 0.51 1.42
C THR C 33 -9.33 -0.55 2.26
N VAL C 34 -9.55 -1.82 1.94
CA VAL C 34 -8.99 -2.91 2.74
C VAL C 34 -8.44 -3.98 1.81
N LEU C 35 -7.23 -4.46 2.12
CA LEU C 35 -6.56 -5.50 1.36
C LEU C 35 -6.19 -6.66 2.27
N ALA C 36 -6.26 -7.88 1.74
CA ALA C 36 -5.81 -9.04 2.48
C ALA C 36 -4.28 -9.03 2.52
N ALA C 37 -3.73 -9.50 3.64
CA ALA C 37 -2.27 -9.43 3.79
C ALA C 37 -1.77 -10.58 4.64
N ALA C 38 -0.48 -10.82 4.56
CA ALA C 38 0.21 -11.72 5.48
C ALA C 38 1.30 -10.92 6.16
N GLY C 39 2.02 -11.54 7.08
CA GLY C 39 3.11 -10.81 7.67
C GLY C 39 3.55 -11.42 8.96
N GLU C 40 4.65 -10.87 9.47
CA GLU C 40 5.21 -11.23 10.76
C GLU C 40 5.45 -9.95 11.56
N GLY C 41 5.46 -10.10 12.90
CA GLY C 41 5.67 -8.96 13.76
C GLY C 41 6.32 -9.44 15.04
N SER C 42 6.81 -8.48 15.83
CA SER C 42 7.61 -8.80 17.01
C SER C 42 6.83 -8.75 18.32
N ARG C 43 5.62 -8.18 18.32
CA ARG C 43 4.88 -8.11 19.58
C ARG C 43 4.40 -9.48 20.04
N ASN C 44 4.09 -10.39 19.10
CA ASN C 44 3.79 -11.79 19.44
C ASN C 44 2.52 -11.87 20.30
N VAL C 45 1.43 -11.32 19.78
CA VAL C 45 0.18 -11.25 20.51
C VAL C 45 -0.99 -11.79 19.69
N ARG C 46 -0.70 -12.51 18.60
CA ARG C 46 -1.78 -12.94 17.70
C ARG C 46 -2.81 -13.76 18.45
N SER C 47 -4.08 -13.34 18.36
CA SER C 47 -5.12 -13.88 19.22
C SER C 47 -5.34 -15.37 19.02
N THR C 48 -4.95 -15.92 17.88
CA THR C 48 -5.13 -17.33 17.58
C THR C 48 -3.90 -18.18 17.93
N GLY C 49 -2.82 -17.58 18.42
CA GLY C 49 -1.68 -18.35 18.90
C GLY C 49 -0.36 -18.05 18.22
N GLU C 50 0.73 -18.28 18.95
CA GLU C 50 2.09 -18.15 18.43
C GLU C 50 2.86 -19.44 18.75
N PRO C 51 3.84 -19.81 17.92
CA PRO C 51 4.23 -19.19 16.65
C PRO C 51 3.19 -19.40 15.55
N SER C 52 2.76 -18.31 14.91
CA SER C 52 1.74 -18.37 13.89
C SER C 52 2.34 -18.84 12.56
N VAL C 53 1.46 -19.08 11.60
CA VAL C 53 1.88 -19.45 10.25
C VAL C 53 2.23 -18.12 9.57
N SER C 54 3.51 -17.91 9.30
CA SER C 54 4.00 -16.67 8.71
C SER C 54 3.49 -16.21 7.33
N HIS C 55 3.09 -17.13 6.47
CA HIS C 55 2.64 -16.76 5.14
C HIS C 55 1.18 -17.11 4.89
N ALA C 56 0.41 -17.40 5.94
CA ALA C 56 -1.03 -17.39 5.81
C ALA C 56 -1.51 -15.96 5.66
N TYR C 57 -2.51 -15.75 4.82
CA TYR C 57 -3.13 -14.42 4.68
C TYR C 57 -4.15 -14.28 5.81
N SER C 58 -3.63 -14.03 7.01
CA SER C 58 -4.44 -13.90 8.20
C SER C 58 -4.62 -12.46 8.63
N ASN C 59 -4.06 -11.51 7.88
CA ASN C 59 -4.15 -10.09 8.22
C ASN C 59 -5.01 -9.36 7.20
N ILE C 60 -5.35 -8.11 7.56
CA ILE C 60 -5.95 -7.15 6.64
C ILE C 60 -5.23 -5.82 6.80
N LYS C 61 -5.13 -5.08 5.72
CA LYS C 61 -4.59 -3.73 5.73
C LYS C 61 -5.70 -2.75 5.33
N PHE C 62 -6.04 -1.82 6.23
CA PHE C 62 -6.94 -0.72 5.91
C PHE C 62 -6.16 0.51 5.52
N GLU C 63 -6.70 1.28 4.57
CA GLU C 63 -6.26 2.63 4.27
C GLU C 63 -7.45 3.56 4.40
N VAL C 64 -7.31 4.60 5.22
CA VAL C 64 -8.39 5.56 5.43
C VAL C 64 -7.85 6.94 5.11
N LEU C 65 -8.44 7.58 4.10
CA LEU C 65 -8.11 8.96 3.78
C LEU C 65 -9.07 9.91 4.48
N THR C 66 -8.53 10.97 5.07
CA THR C 66 -9.36 12.00 5.67
C THR C 66 -8.69 13.36 5.54
N ALA C 67 -9.51 14.40 5.32
CA ALA C 67 -8.98 15.75 5.28
C ALA C 67 -8.60 16.26 6.66
N SER C 68 -9.22 15.71 7.71
CA SER C 68 -9.00 16.16 9.07
C SER C 68 -7.96 15.27 9.77
N ARG C 69 -6.85 15.86 10.20
CA ARG C 69 -5.93 15.12 11.05
C ARG C 69 -6.58 14.71 12.35
N GLU C 70 -7.59 15.47 12.80
CA GLU C 70 -8.32 15.11 14.02
C GLU C 70 -9.11 13.82 13.83
N LEU C 71 -9.72 13.62 12.66
CA LEU C 71 -10.51 12.41 12.45
C LEU C 71 -9.62 11.19 12.29
N ALA C 72 -8.48 11.35 11.61
CA ALA C 72 -7.53 10.25 11.49
C ALA C 72 -7.14 9.72 12.87
N ASP C 73 -6.67 10.60 13.74
CA ASP C 73 -6.18 10.08 15.00
C ASP C 73 -7.31 9.72 15.95
N GLN C 74 -8.52 10.26 15.74
CA GLN C 74 -9.67 9.71 16.46
C GLN C 74 -9.87 8.24 16.10
N ILE C 75 -9.76 7.90 14.82
CA ILE C 75 -9.88 6.49 14.42
C ILE C 75 -8.72 5.68 14.95
N GLN C 76 -7.52 6.14 14.80
CA GLN C 76 -6.41 5.40 15.25
C GLN C 76 -6.41 5.18 16.73
N ASP C 77 -6.86 6.18 17.46
CA ASP C 77 -6.89 6.11 18.91
C ASP C 77 -7.75 4.98 19.37
N LYS C 78 -8.94 4.94 18.87
CA LYS C 78 -9.87 3.94 19.19
C LYS C 78 -9.46 2.54 18.84
N VAL C 79 -8.90 2.37 17.68
CA VAL C 79 -8.46 1.09 17.23
C VAL C 79 -7.40 0.62 18.12
N VAL C 80 -6.44 1.45 18.39
CA VAL C 80 -5.34 1.04 19.26
C VAL C 80 -5.84 0.75 20.67
N ALA C 81 -6.72 1.62 21.20
CA ALA C 81 -7.25 1.42 22.55
C ALA C 81 -7.95 0.08 22.68
N LYS C 82 -8.73 -0.32 21.67
CA LYS C 82 -9.53 -1.54 21.81
C LYS C 82 -8.75 -2.79 21.46
N TYR C 83 -7.85 -2.75 20.46
CA TYR C 83 -7.31 -3.99 19.92
C TYR C 83 -5.81 -4.19 20.08
N PHE C 84 -5.05 -3.14 20.37
CA PHE C 84 -3.59 -3.25 20.32
C PHE C 84 -3.07 -4.33 21.26
N ASP C 85 -3.56 -4.36 22.51
CA ASP C 85 -3.01 -5.31 23.47
C ASP C 85 -3.45 -6.73 23.18
N ASP C 86 -4.64 -6.92 22.61
CA ASP C 86 -5.23 -8.25 22.48
C ASP C 86 -5.03 -8.86 21.10
N TYR C 87 -4.62 -8.08 20.11
CA TYR C 87 -4.59 -8.56 18.73
C TYR C 87 -3.38 -8.00 18.00
N SER C 88 -2.80 -8.80 17.11
CA SER C 88 -1.64 -8.38 16.35
C SER C 88 -2.00 -7.32 15.32
N CYS C 89 -1.83 -6.05 15.70
CA CYS C 89 -2.14 -4.94 14.81
C CYS C 89 -1.01 -3.91 14.80
N ILE C 90 -1.06 -3.00 13.83
CA ILE C 90 -0.04 -1.95 13.72
C ILE C 90 -0.58 -0.75 12.96
N THR C 91 -0.17 0.50 13.15
N THR C 91 -0.21 0.51 13.19
CA THR C 91 -0.83 1.61 12.47
CA THR C 91 -0.83 1.64 12.52
C THR C 91 0.19 2.71 12.17
C THR C 91 0.25 2.64 12.11
N TYR C 92 -0.05 3.43 11.07
CA TYR C 92 0.82 4.56 10.73
C TYR C 92 0.04 5.54 9.87
N ILE C 93 0.57 6.76 9.77
CA ILE C 93 -0.13 7.89 9.15
C ILE C 93 0.84 8.62 8.21
N SER C 94 0.36 8.95 7.01
CA SER C 94 1.12 9.78 6.08
C SER C 94 0.19 10.84 5.47
N THR C 95 0.76 11.69 4.62
CA THR C 95 -0.01 12.65 3.84
C THR C 95 0.08 12.30 2.37
N VAL C 96 -1.03 12.49 1.66
CA VAL C 96 -1.03 12.36 0.21
C VAL C 96 -1.80 13.54 -0.37
N GLU C 97 -1.65 13.72 -1.68
CA GLU C 97 -2.31 14.81 -2.39
C GLU C 97 -3.45 14.21 -3.20
N ALA C 98 -4.67 14.60 -2.88
CA ALA C 98 -5.83 14.08 -3.58
C ALA C 98 -6.49 15.20 -4.39
N LEU C 99 -7.42 14.88 -5.25
CA LEU C 99 -8.07 15.96 -5.94
C LEU C 99 -9.21 16.44 -5.12
N ARG C 100 -9.45 17.73 -5.11
CA ARG C 100 -10.54 18.30 -4.33
C ARG C 100 -11.85 17.69 -4.72
N ALA C 101 -11.80 16.70 -5.53
CA ALA C 101 -13.02 16.04 -6.00
C ALA C 101 -13.75 15.35 -4.86
N HIS C 102 -13.11 14.34 -4.28
CA HIS C 102 -13.70 13.59 -3.17
C HIS C 102 -13.70 14.41 -1.89
N LYS C 103 -14.78 14.27 -1.14
CA LYS C 103 -14.97 14.92 0.15
C LYS C 103 -14.39 13.88 1.07
N PHE C 104 -13.27 14.21 1.70
CA PHE C 104 -12.59 13.27 2.51
C PHE C 104 -12.75 13.87 3.89
PG ATP D . -18.47 1.88 -2.97
O1G ATP D . -19.43 1.30 -3.97
O2G ATP D . -17.33 0.95 -2.67
O3G ATP D . -19.10 2.52 -1.75
PB ATP D . -18.54 4.49 -4.17
O1B ATP D . -19.49 4.10 -5.28
O2B ATP D . -19.06 5.23 -2.96
O3B ATP D . -17.78 3.14 -3.72
PA ATP D . -16.18 6.18 -4.17
O1A ATP D . -16.71 7.05 -3.07
O2A ATP D . -15.46 6.83 -5.33
O3A ATP D . -17.33 5.28 -4.87
O5' ATP D . -15.22 5.06 -3.50
C5' ATP D . -14.66 4.03 -4.31
C4' ATP D . -13.60 3.25 -3.55
O4' ATP D . -12.59 4.16 -3.12
C3' ATP D . -14.16 2.61 -2.29
O3' ATP D . -14.60 1.26 -2.53
C2' ATP D . -12.97 2.62 -1.36
O2' ATP D . -12.17 1.47 -1.64
C1' ATP D . -12.16 3.81 -1.80
N9 ATP D . -12.38 4.96 -0.89
C8 ATP D . -13.37 5.87 -0.96
N7 ATP D . -13.25 6.81 0.02
C5 ATP D . -12.15 6.48 0.74
C6 ATP D . -11.44 7.03 1.91
N6 ATP D . -11.87 8.14 2.56
N1 ATP D . -10.33 6.38 2.32
C2 ATP D . -9.87 5.27 1.71
N3 ATP D . -10.46 4.71 0.65
C4 ATP D . -11.59 5.27 0.13
CL CL E . -1.14 -1.72 -0.60
PG ATP F . 6.86 -8.14 -15.67
O1G ATP F . 5.72 -8.01 -14.68
O2G ATP F . 6.66 -7.33 -16.93
O3G ATP F . 7.32 -9.55 -15.86
PB ATP F . 9.58 -7.29 -15.51
O1B ATP F . 10.08 -8.69 -15.69
O2B ATP F . 9.54 -6.33 -16.68
O3B ATP F . 8.08 -7.41 -14.91
PA ATP F . 10.38 -5.18 -13.64
O1A ATP F . 10.40 -4.10 -14.71
O2A ATP F . 11.43 -5.15 -12.58
O3A ATP F . 10.41 -6.65 -14.30
O5' ATP F . 8.93 -5.15 -12.93
C5' ATP F . 8.75 -5.79 -11.67
C4' ATP F . 7.38 -5.40 -11.11
O4' ATP F . 7.50 -4.09 -10.55
C3' ATP F . 6.27 -5.31 -12.14
O3' ATP F . 5.57 -6.54 -12.32
C2' ATP F . 5.36 -4.27 -11.52
O2' ATP F . 4.51 -4.90 -10.56
C1' ATP F . 6.29 -3.37 -10.75
N9 ATP F . 6.61 -2.12 -11.48
C8 ATP F . 7.53 -1.96 -12.46
N7 ATP F . 7.58 -0.68 -12.88
C5 ATP F . 6.68 0.02 -12.15
C6 ATP F . 6.22 1.42 -12.09
N6 ATP F . 6.75 2.36 -12.90
N1 ATP F . 5.26 1.73 -11.19
C2 ATP F . 4.74 0.79 -10.38
N3 ATP F . 5.09 -0.50 -10.39
C4 ATP F . 6.05 -0.93 -11.23
PG ATP G . 2.53 -12.06 13.94
O1G ATP G . 2.09 -11.90 12.49
O2G ATP G . 4.01 -12.26 14.10
O3G ATP G . 1.65 -13.03 14.67
PB ATP G . 2.38 -10.20 16.12
O1B ATP G . 1.38 -10.97 16.95
O2B ATP G . 3.85 -10.29 16.39
O3B ATP G . 2.15 -10.64 14.57
PA ATP G . 2.47 -7.32 15.65
O1A ATP G . 3.94 -7.25 15.97
O2A ATP G . 1.51 -6.24 16.11
O3A ATP G . 1.80 -8.71 16.15
O5' ATP G . 2.33 -7.46 14.05
C5' ATP G . 1.06 -7.39 13.44
C4' ATP G . 1.22 -7.34 11.91
O4' ATP G . 1.73 -6.05 11.58
C3' ATP G . 2.24 -8.30 11.34
O3' ATP G . 1.71 -9.59 11.02
C2' ATP G . 2.72 -7.60 10.09
O2' ATP G . 1.79 -7.79 9.01
C1' ATP G . 2.64 -6.15 10.49
N9 ATP G . 3.94 -5.64 10.92
C8 ATP G . 4.49 -5.78 12.15
N7 ATP G . 5.70 -5.17 12.24
C5 ATP G . 5.94 -4.64 11.02
C6 ATP G . 7.03 -3.86 10.42
N6 ATP G . 8.12 -3.54 11.16
N1 ATP G . 6.90 -3.48 9.11
C2 ATP G . 5.81 -3.80 8.38
N3 ATP G . 4.77 -4.51 8.87
C4 ATP G . 4.78 -4.94 10.16
#